data_3FLV
#
_entry.id   3FLV
#
_cell.length_a   136.751
_cell.length_b   34.064
_cell.length_c   54.877
_cell.angle_alpha   90.00
_cell.angle_beta   102.16
_cell.angle_gamma   90.00
#
_symmetry.space_group_name_H-M   'C 1 2 1'
#
loop_
_entity.id
_entity.type
_entity.pdbx_description
1 polymer 'Acyl-CoA-binding domain-containing protein 5'
2 non-polymer 'STEARIC ACID'
3 non-polymer 'COENZYME A'
4 non-polymer 'UNKNOWN ATOM OR ION'
5 water water
#
_entity_poly.entity_id   1
_entity_poly.type   'polypeptide(L)'
_entity_poly.pdbx_seq_one_letter_code
;MHHHHHHSSGVDLGTENLYFQSMHETRFEAAVKVIQSLPKNGSFQPTNEMMLKFYSFYKQATEGPCKLSRPGFWDPIGRY
KWDAWSSLGDMTKEEAMIAYVEEMKKIIETMPMTEKVEE
;
_entity_poly.pdbx_strand_id   A,B
#
# COMPACT_ATOMS: atom_id res chain seq x y z
N SER A 22 -12.04 11.49 -19.51
CA SER A 22 -13.44 11.38 -19.00
C SER A 22 -13.80 12.64 -18.24
N MET A 23 -15.11 12.89 -18.15
CA MET A 23 -15.67 14.02 -17.42
C MET A 23 -15.14 14.00 -15.95
N HIS A 24 -15.27 12.89 -15.25
CA HIS A 24 -14.78 12.78 -13.84
C HIS A 24 -13.27 12.99 -13.71
N GLU A 25 -12.48 12.47 -14.64
CA GLU A 25 -11.03 12.64 -14.58
C GLU A 25 -10.63 14.12 -14.78
N THR A 26 -11.31 14.79 -15.71
CA THR A 26 -11.08 16.24 -15.95
C THR A 26 -11.45 17.08 -14.70
N ARG A 27 -12.62 16.76 -14.12
CA ARG A 27 -13.09 17.42 -12.86
C ARG A 27 -12.07 17.20 -11.76
N PHE A 28 -11.59 15.96 -11.64
CA PHE A 28 -10.61 15.61 -10.62
C PHE A 28 -9.32 16.44 -10.70
N GLU A 29 -8.74 16.50 -11.90
CA GLU A 29 -7.55 17.33 -12.13
C GLU A 29 -7.77 18.81 -11.79
N ALA A 30 -8.91 19.37 -12.16
CA ALA A 30 -9.30 20.73 -11.81
C ALA A 30 -9.39 20.90 -10.30
N ALA A 31 -10.00 19.95 -9.63
CA ALA A 31 -10.19 20.01 -8.18
C ALA A 31 -8.84 19.97 -7.45
N VAL A 32 -7.97 19.09 -7.89
CA VAL A 32 -6.63 18.90 -7.26
C VAL A 32 -5.89 20.23 -7.30
N LYS A 33 -5.99 20.87 -8.46
CA LYS A 33 -5.37 22.19 -8.65
C LYS A 33 -5.93 23.24 -7.74
N VAL A 34 -7.26 23.23 -7.54
CA VAL A 34 -7.87 24.16 -6.62
C VAL A 34 -7.33 24.00 -5.21
N ILE A 35 -7.34 22.78 -4.72
CA ILE A 35 -6.89 22.48 -3.36
C ILE A 35 -5.43 22.81 -3.14
N GLN A 36 -4.59 22.49 -4.12
CA GLN A 36 -3.18 22.77 -4.08
C GLN A 36 -2.93 24.27 -3.93
N SER A 37 -3.77 25.04 -4.59
CA SER A 37 -3.60 26.48 -4.64
CA SER A 37 -3.62 26.49 -4.65
C SER A 37 -4.04 27.24 -3.39
N LEU A 38 -4.88 26.64 -2.55
CA LEU A 38 -5.40 27.38 -1.39
C LEU A 38 -4.30 27.78 -0.39
N PRO A 39 -3.46 26.84 0.07
CA PRO A 39 -2.34 27.27 0.97
C PRO A 39 -1.38 28.29 0.38
N LYS A 40 -1.42 28.46 -0.95
CA LYS A 40 -0.55 29.40 -1.66
C LYS A 40 -1.19 30.74 -2.07
N ASN A 41 -2.49 30.73 -2.39
CA ASN A 41 -3.13 31.90 -3.04
C ASN A 41 -4.26 32.58 -2.24
N GLY A 42 -4.60 32.00 -1.08
CA GLY A 42 -5.63 32.58 -0.23
C GLY A 42 -5.13 32.92 1.16
N SER A 43 -6.06 33.28 2.03
CA SER A 43 -5.78 33.42 3.45
C SER A 43 -6.34 32.24 4.24
N PHE A 44 -7.09 31.36 3.59
CA PHE A 44 -7.72 30.22 4.23
C PHE A 44 -7.43 28.96 3.44
N GLN A 45 -7.36 27.85 4.15
CA GLN A 45 -7.16 26.55 3.55
C GLN A 45 -7.93 25.49 4.31
N PRO A 46 -8.08 24.29 3.71
CA PRO A 46 -8.69 23.21 4.45
C PRO A 46 -7.90 22.84 5.73
N THR A 47 -8.62 22.31 6.70
CA THR A 47 -7.99 21.81 7.89
C THR A 47 -7.07 20.62 7.59
N ASN A 48 -6.17 20.32 8.51
CA ASN A 48 -5.32 19.14 8.38
C ASN A 48 -6.14 17.87 8.17
N GLU A 49 -7.21 17.69 8.95
CA GLU A 49 -8.19 16.59 8.77
C GLU A 49 -8.72 16.49 7.36
N MET A 50 -9.15 17.64 6.82
CA MET A 50 -9.62 17.67 5.44
C MET A 50 -8.50 17.35 4.45
N MET A 51 -7.27 17.83 4.68
CA MET A 51 -6.16 17.51 3.78
C MET A 51 -5.88 16.01 3.75
N LEU A 52 -6.06 15.34 4.91
CA LEU A 52 -5.85 13.88 4.97
C LEU A 52 -6.98 13.19 4.19
N LYS A 53 -8.16 13.74 4.24
CA LYS A 53 -9.28 13.20 3.45
C LYS A 53 -9.03 13.34 1.98
N PHE A 54 -8.61 14.53 1.57
CA PHE A 54 -8.15 14.72 0.21
C PHE A 54 -7.06 13.79 -0.25
N TYR A 55 -6.07 13.62 0.61
CA TYR A 55 -4.99 12.64 0.30
C TYR A 55 -5.53 11.24 0.09
N SER A 56 -6.42 10.80 1.00
CA SER A 56 -6.99 9.48 0.87
C SER A 56 -7.69 9.27 -0.49
N PHE A 57 -8.51 10.24 -0.92
CA PHE A 57 -9.18 10.08 -2.24
C PHE A 57 -8.18 10.17 -3.42
N TYR A 58 -7.17 11.03 -3.32
CA TYR A 58 -6.14 11.17 -4.31
C TYR A 58 -5.39 9.85 -4.55
N LYS A 59 -4.98 9.22 -3.46
CA LYS A 59 -4.32 7.91 -3.52
C LYS A 59 -5.26 6.86 -4.12
N GLN A 60 -6.49 6.83 -3.64
CA GLN A 60 -7.45 5.81 -4.08
C GLN A 60 -7.80 5.99 -5.54
N ALA A 61 -7.83 7.24 -6.01
CA ALA A 61 -8.18 7.53 -7.42
C ALA A 61 -7.05 7.21 -8.39
N THR A 62 -5.82 7.23 -7.90
CA THR A 62 -4.63 7.19 -8.76
C THR A 62 -3.91 5.84 -8.65
N GLU A 63 -3.75 5.36 -7.41
CA GLU A 63 -3.05 4.11 -7.11
C GLU A 63 -3.95 2.95 -6.75
N GLY A 64 -5.21 3.22 -6.46
CA GLY A 64 -6.11 2.17 -6.01
C GLY A 64 -5.99 1.94 -4.51
N PRO A 65 -6.50 0.78 -4.04
CA PRO A 65 -6.61 0.57 -2.60
C PRO A 65 -5.25 0.40 -1.94
N CYS A 66 -5.21 0.73 -0.67
CA CYS A 66 -4.00 0.76 0.10
C CYS A 66 -3.45 -0.71 0.10
N LYS A 67 -2.16 -0.82 -0.07
CA LYS A 67 -1.49 -2.10 -0.35
C LYS A 67 -0.47 -2.44 0.73
N LEU A 68 0.20 -1.42 1.26
CA LEU A 68 1.36 -1.60 2.11
C LEU A 68 0.95 -1.76 3.56
N SER A 69 1.92 -2.10 4.38
CA SER A 69 1.62 -2.28 5.83
C SER A 69 1.63 -0.92 6.51
N ARG A 70 1.04 -0.83 7.72
CA ARG A 70 0.92 0.41 8.45
C ARG A 70 2.26 0.89 9.00
N PRO A 71 2.60 2.17 8.81
CA PRO A 71 3.89 2.62 9.43
C PRO A 71 3.88 2.48 10.94
N GLY A 72 5.06 2.51 11.53
CA GLY A 72 5.20 2.35 12.97
C GLY A 72 4.75 3.52 13.81
N PHE A 73 4.65 3.23 15.12
CA PHE A 73 4.11 4.18 16.11
C PHE A 73 4.88 5.52 16.08
N TRP A 74 6.16 5.38 15.80
CA TRP A 74 7.10 6.52 15.77
C TRP A 74 6.97 7.42 14.51
N ASP A 75 6.14 7.04 13.53
CA ASP A 75 5.92 7.85 12.31
C ASP A 75 4.47 8.34 12.25
N PRO A 76 4.17 9.44 12.98
CA PRO A 76 2.81 9.97 13.03
C PRO A 76 2.17 10.30 11.70
N ILE A 77 2.83 11.11 10.86
CA ILE A 77 2.21 11.59 9.61
C ILE A 77 2.00 10.36 8.69
N GLY A 78 2.96 9.44 8.70
CA GLY A 78 2.85 8.13 7.99
C GLY A 78 1.63 7.33 8.40
N ARG A 79 1.40 7.22 9.69
CA ARG A 79 0.25 6.56 10.24
C ARG A 79 -1.04 7.25 9.95
N TYR A 80 -1.09 8.59 10.04
CA TYR A 80 -2.35 9.30 9.75
C TYR A 80 -2.76 9.17 8.28
N LYS A 81 -1.75 9.29 7.42
CA LYS A 81 -1.88 9.05 6.00
C LYS A 81 -2.43 7.67 5.70
N TRP A 82 -1.77 6.65 6.23
CA TRP A 82 -2.17 5.28 5.98
C TRP A 82 -3.57 4.93 6.48
N ASP A 83 -3.89 5.33 7.73
CA ASP A 83 -5.20 5.11 8.25
C ASP A 83 -6.29 5.74 7.35
N ALA A 84 -6.06 6.95 6.88
CA ALA A 84 -7.06 7.62 6.02
C ALA A 84 -7.23 6.86 4.69
N TRP A 85 -6.13 6.56 4.01
CA TRP A 85 -6.17 5.81 2.75
C TRP A 85 -6.80 4.41 2.97
N SER A 86 -6.30 3.63 3.94
CA SER A 86 -6.83 2.31 4.19
C SER A 86 -8.33 2.27 4.45
N SER A 87 -8.83 3.32 5.09
CA SER A 87 -10.25 3.48 5.46
C SER A 87 -11.22 3.38 4.29
N LEU A 88 -10.73 3.70 3.09
CA LEU A 88 -11.57 3.73 1.88
C LEU A 88 -11.90 2.34 1.32
N GLY A 89 -11.23 1.29 1.77
CA GLY A 89 -11.56 -0.08 1.27
C GLY A 89 -11.58 -0.24 -0.24
N ASP A 90 -12.73 -0.71 -0.75
CA ASP A 90 -12.77 -1.07 -2.14
C ASP A 90 -13.35 0.05 -3.02
N MET A 91 -13.38 1.26 -2.51
CA MET A 91 -13.71 2.41 -3.36
C MET A 91 -12.97 2.32 -4.71
N THR A 92 -13.71 2.45 -5.81
CA THR A 92 -13.09 2.41 -7.11
C THR A 92 -12.32 3.76 -7.39
N LYS A 93 -11.51 3.73 -8.45
CA LYS A 93 -10.79 4.97 -8.88
C LYS A 93 -11.76 6.08 -9.26
N GLU A 94 -12.81 5.79 -10.01
CA GLU A 94 -13.78 6.79 -10.36
C GLU A 94 -14.58 7.29 -9.17
N GLU A 95 -14.94 6.40 -8.24
CA GLU A 95 -15.64 6.84 -7.06
C GLU A 95 -14.76 7.77 -6.22
N ALA A 96 -13.46 7.49 -6.18
CA ALA A 96 -12.55 8.34 -5.43
C ALA A 96 -12.39 9.72 -6.13
N MET A 97 -12.36 9.73 -7.44
CA MET A 97 -12.41 11.03 -8.18
C MET A 97 -13.67 11.86 -7.87
N ILE A 98 -14.83 11.24 -7.90
CA ILE A 98 -16.08 11.86 -7.55
C ILE A 98 -16.01 12.37 -6.13
N ALA A 99 -15.56 11.52 -5.20
CA ALA A 99 -15.43 11.94 -3.79
C ALA A 99 -14.54 13.19 -3.57
N TYR A 100 -13.39 13.22 -4.22
CA TYR A 100 -12.46 14.31 -4.15
C TYR A 100 -13.11 15.60 -4.65
N VAL A 101 -13.76 15.52 -5.80
CA VAL A 101 -14.42 16.65 -6.38
C VAL A 101 -15.54 17.18 -5.50
N GLU A 102 -16.36 16.28 -4.97
CA GLU A 102 -17.49 16.61 -4.10
C GLU A 102 -17.00 17.30 -2.81
N GLU A 103 -15.87 16.82 -2.27
CA GLU A 103 -15.28 17.41 -1.05
C GLU A 103 -14.74 18.82 -1.29
N MET A 104 -14.06 18.99 -2.42
CA MET A 104 -13.61 20.27 -2.85
C MET A 104 -14.81 21.25 -3.00
N LYS A 105 -15.86 20.83 -3.67
CA LYS A 105 -17.02 21.74 -3.87
C LYS A 105 -17.59 22.21 -2.54
N LYS A 106 -17.70 21.27 -1.60
CA LYS A 106 -18.24 21.52 -0.25
C LYS A 106 -17.34 22.51 0.50
N ILE A 107 -16.02 22.33 0.44
CA ILE A 107 -15.13 23.27 1.07
C ILE A 107 -15.20 24.66 0.42
N ILE A 108 -15.22 24.74 -0.91
CA ILE A 108 -15.20 26.00 -1.59
C ILE A 108 -16.55 26.76 -1.31
N GLU A 109 -17.62 26.02 -1.16
CA GLU A 109 -18.92 26.62 -0.87
C GLU A 109 -18.95 27.36 0.49
N THR A 110 -18.13 26.93 1.45
CA THR A 110 -18.14 27.47 2.81
C THR A 110 -16.98 28.42 3.10
N MET A 111 -15.93 28.36 2.30
CA MET A 111 -14.62 28.97 2.65
C MET A 111 -14.27 30.23 1.84
N PRO A 112 -14.01 31.37 2.53
CA PRO A 112 -13.63 32.66 1.90
C PRO A 112 -12.39 32.56 1.01
N MET A 113 -12.53 32.99 -0.24
CA MET A 113 -11.47 32.85 -1.26
CA MET A 113 -11.48 32.85 -1.25
C MET A 113 -10.74 34.17 -1.50
N SER B 22 14.95 -29.25 -9.97
CA SER B 22 15.55 -28.32 -10.98
C SER B 22 16.58 -27.38 -10.34
N MET B 23 17.23 -26.58 -11.18
CA MET B 23 18.13 -25.55 -10.68
C MET B 23 17.37 -24.54 -9.82
N HIS B 24 16.14 -24.19 -10.21
CA HIS B 24 15.34 -23.22 -9.40
C HIS B 24 14.89 -23.75 -8.04
N GLU B 25 14.49 -25.01 -8.03
CA GLU B 25 14.15 -25.74 -6.80
C GLU B 25 15.37 -25.83 -5.86
N THR B 26 16.56 -25.99 -6.43
CA THR B 26 17.76 -26.16 -5.60
C THR B 26 18.16 -24.83 -4.96
N ARG B 27 18.08 -23.77 -5.75
CA ARG B 27 18.49 -22.43 -5.31
C ARG B 27 17.48 -22.00 -4.22
N PHE B 28 16.22 -22.30 -4.48
CA PHE B 28 15.11 -21.94 -3.55
C PHE B 28 15.27 -22.65 -2.21
N GLU B 29 15.40 -23.97 -2.25
CA GLU B 29 15.52 -24.72 -1.02
C GLU B 29 16.77 -24.22 -0.22
N ALA B 30 17.76 -23.72 -0.93
CA ALA B 30 18.99 -23.22 -0.29
C ALA B 30 18.74 -21.87 0.39
N ALA B 31 18.02 -21.03 -0.34
CA ALA B 31 17.66 -19.66 0.05
C ALA B 31 16.78 -19.74 1.30
N VAL B 32 15.81 -20.62 1.16
CA VAL B 32 14.87 -20.97 2.23
C VAL B 32 15.63 -21.39 3.45
N LYS B 33 16.59 -22.32 3.29
CA LYS B 33 17.37 -22.71 4.44
C LYS B 33 18.27 -21.62 4.94
N VAL B 34 18.81 -20.79 4.01
CA VAL B 34 19.56 -19.62 4.43
C VAL B 34 18.69 -18.80 5.37
N ILE B 35 17.45 -18.60 4.96
CA ILE B 35 16.52 -17.72 5.67
C ILE B 35 16.02 -18.36 6.96
N GLN B 36 15.80 -19.68 6.93
CA GLN B 36 15.41 -20.40 8.16
C GLN B 36 16.52 -20.52 9.21
N SER B 37 17.75 -20.24 8.78
CA SER B 37 18.93 -20.36 9.66
C SER B 37 19.45 -19.05 10.20
N LEU B 38 19.03 -17.93 9.61
CA LEU B 38 19.50 -16.65 10.09
C LEU B 38 18.95 -16.47 11.50
N PRO B 39 19.81 -16.11 12.45
CA PRO B 39 19.29 -15.88 13.79
C PRO B 39 18.58 -14.53 13.87
N LYS B 40 17.44 -14.50 14.54
CA LYS B 40 16.82 -13.22 14.86
C LYS B 40 17.64 -12.57 15.96
N ASN B 41 18.20 -11.40 15.69
CA ASN B 41 18.91 -10.64 16.72
C ASN B 41 18.02 -9.57 17.29
N GLY B 42 18.42 -9.07 18.46
CA GLY B 42 17.65 -8.04 19.13
C GLY B 42 17.76 -6.68 18.46
N SER B 43 18.78 -6.49 17.62
CA SER B 43 19.12 -5.17 17.12
C SER B 43 18.28 -4.76 15.92
N PHE B 44 18.38 -5.53 14.84
CA PHE B 44 17.76 -5.17 13.57
C PHE B 44 17.09 -6.36 12.88
N GLN B 45 16.29 -6.02 11.89
CA GLN B 45 15.51 -6.97 11.10
C GLN B 45 15.26 -6.38 9.73
N PRO B 46 14.81 -7.21 8.74
CA PRO B 46 14.34 -6.70 7.50
C PRO B 46 13.15 -5.76 7.68
N THR B 47 12.99 -4.83 6.75
CA THR B 47 11.84 -3.92 6.79
C THR B 47 10.58 -4.78 6.63
N ASN B 48 9.46 -4.28 7.11
CA ASN B 48 8.20 -5.02 6.86
C ASN B 48 7.96 -5.27 5.35
N GLU B 49 8.26 -4.29 4.49
CA GLU B 49 8.09 -4.48 3.02
C GLU B 49 8.95 -5.69 2.53
N MET B 50 10.20 -5.80 2.98
CA MET B 50 11.04 -6.92 2.53
CA MET B 50 11.09 -6.92 2.59
C MET B 50 10.51 -8.26 3.07
N MET B 51 10.05 -8.27 4.32
CA MET B 51 9.51 -9.50 4.93
C MET B 51 8.30 -9.94 4.14
N LEU B 52 7.40 -9.01 3.84
CA LEU B 52 6.16 -9.41 3.14
C LEU B 52 6.43 -9.87 1.70
N LYS B 53 7.43 -9.27 1.07
CA LYS B 53 7.88 -9.67 -0.30
C LYS B 53 8.29 -11.13 -0.33
N PHE B 54 9.27 -11.50 0.50
CA PHE B 54 9.66 -12.91 0.63
C PHE B 54 8.53 -13.84 1.12
N TYR B 55 7.72 -13.39 2.08
CA TYR B 55 6.67 -14.26 2.60
C TYR B 55 5.77 -14.73 1.48
N SER B 56 5.38 -13.80 0.64
CA SER B 56 4.37 -14.10 -0.36
C SER B 56 4.90 -15.13 -1.38
N PHE B 57 6.13 -14.93 -1.83
CA PHE B 57 6.79 -15.92 -2.70
C PHE B 57 6.91 -17.29 -2.03
N TYR B 58 7.33 -17.32 -0.79
CA TYR B 58 7.49 -18.55 -0.11
C TYR B 58 6.22 -19.35 -0.09
N LYS B 59 5.13 -18.68 0.28
CA LYS B 59 3.82 -19.34 0.31
C LYS B 59 3.38 -19.75 -1.08
N GLN B 60 3.48 -18.84 -2.04
CA GLN B 60 3.12 -19.20 -3.41
C GLN B 60 3.98 -20.41 -3.90
N ALA B 61 5.28 -20.39 -3.65
CA ALA B 61 6.18 -21.48 -4.07
C ALA B 61 5.82 -22.84 -3.42
N THR B 62 5.48 -22.80 -2.13
CA THR B 62 5.16 -24.00 -1.33
C THR B 62 3.67 -24.40 -1.32
N GLU B 63 2.77 -23.45 -1.09
CA GLU B 63 1.33 -23.72 -0.89
C GLU B 63 0.50 -23.44 -2.14
N GLY B 64 1.06 -22.70 -3.09
CA GLY B 64 0.34 -22.36 -4.29
C GLY B 64 -0.48 -21.13 -4.02
N PRO B 65 -1.40 -20.82 -4.94
CA PRO B 65 -2.24 -19.63 -4.83
C PRO B 65 -3.02 -19.58 -3.50
N CYS B 66 -3.23 -18.37 -2.99
CA CYS B 66 -3.97 -18.14 -1.75
C CYS B 66 -5.46 -18.35 -1.99
N LYS B 67 -6.04 -19.34 -1.31
CA LYS B 67 -7.50 -19.53 -1.30
C LYS B 67 -8.16 -18.82 -0.09
N LEU B 68 -7.55 -18.92 1.08
CA LEU B 68 -8.11 -18.43 2.36
C LEU B 68 -8.79 -17.04 2.34
N SER B 69 -9.63 -16.82 3.35
CA SER B 69 -10.33 -15.55 3.52
C SER B 69 -9.42 -14.54 4.24
N ARG B 70 -9.55 -13.27 3.89
CA ARG B 70 -8.74 -12.21 4.51
C ARG B 70 -9.01 -12.15 6.01
N PRO B 71 -7.95 -12.19 6.85
CA PRO B 71 -8.12 -12.05 8.29
C PRO B 71 -8.89 -10.81 8.69
N GLY B 72 -9.47 -10.85 9.88
CA GLY B 72 -10.20 -9.70 10.38
C GLY B 72 -9.25 -8.65 10.95
N PHE B 73 -9.79 -7.48 11.25
CA PHE B 73 -8.98 -6.29 11.64
C PHE B 73 -8.16 -6.47 12.92
N TRP B 74 -8.56 -7.45 13.72
CA TRP B 74 -7.90 -7.77 14.96
C TRP B 74 -6.56 -8.51 14.78
N ASP B 75 -6.31 -8.90 13.53
CA ASP B 75 -5.06 -9.59 13.09
C ASP B 75 -4.41 -8.81 11.95
N PRO B 76 -3.84 -7.67 12.28
CA PRO B 76 -3.27 -6.82 11.25
C PRO B 76 -2.12 -7.51 10.51
N ILE B 77 -1.31 -8.25 11.22
CA ILE B 77 -0.18 -8.92 10.58
C ILE B 77 -0.71 -10.00 9.62
N GLY B 78 -1.71 -10.76 10.05
CA GLY B 78 -2.45 -11.65 9.17
C GLY B 78 -2.97 -10.96 7.94
N ARG B 79 -3.54 -9.78 8.11
CA ARG B 79 -4.01 -9.01 6.98
C ARG B 79 -2.91 -8.62 6.03
N TYR B 80 -1.79 -8.09 6.55
CA TYR B 80 -0.71 -7.64 5.67
C TYR B 80 -0.19 -8.80 4.85
N LYS B 81 -0.07 -9.93 5.50
CA LYS B 81 0.44 -11.11 4.83
C LYS B 81 -0.52 -11.64 3.79
N TRP B 82 -1.75 -11.88 4.25
CA TRP B 82 -2.77 -12.46 3.39
C TRP B 82 -2.83 -11.64 2.13
N ASP B 83 -2.79 -10.32 2.29
CA ASP B 83 -2.84 -9.42 1.20
C ASP B 83 -1.66 -9.59 0.25
N ALA B 84 -0.48 -9.78 0.82
CA ALA B 84 0.71 -9.94 -0.01
C ALA B 84 0.63 -11.27 -0.76
N TRP B 85 0.31 -12.37 -0.10
CA TRP B 85 0.22 -13.66 -0.75
C TRP B 85 -0.85 -13.66 -1.83
N SER B 86 -2.02 -13.11 -1.48
CA SER B 86 -3.18 -12.99 -2.38
CA SER B 86 -3.13 -13.08 -2.41
C SER B 86 -2.85 -12.14 -3.58
N SER B 87 -1.99 -11.14 -3.37
CA SER B 87 -1.64 -10.23 -4.47
C SER B 87 -0.78 -10.89 -5.57
N LEU B 88 -0.34 -12.12 -5.36
CA LEU B 88 0.41 -12.86 -6.41
C LEU B 88 -0.52 -13.62 -7.36
N GLY B 89 -1.77 -13.81 -6.97
CA GLY B 89 -2.76 -14.41 -7.86
C GLY B 89 -2.48 -15.89 -8.11
N ASP B 90 -2.36 -16.24 -9.40
CA ASP B 90 -2.10 -17.61 -9.85
C ASP B 90 -0.66 -17.82 -10.36
N MET B 91 0.26 -16.90 -10.01
CA MET B 91 1.68 -17.07 -10.26
C MET B 91 2.04 -18.52 -9.96
N THR B 92 2.90 -19.11 -10.78
CA THR B 92 3.26 -20.53 -10.65
C THR B 92 4.30 -20.76 -9.56
N LYS B 93 4.33 -21.98 -8.99
CA LYS B 93 5.33 -22.36 -7.95
C LYS B 93 6.79 -22.09 -8.37
N GLU B 94 7.15 -22.43 -9.61
CA GLU B 94 8.53 -22.15 -10.07
C GLU B 94 8.81 -20.64 -10.30
N GLU B 95 7.89 -19.90 -10.92
CA GLU B 95 8.00 -18.43 -10.94
C GLU B 95 8.23 -17.86 -9.50
N ALA B 96 7.48 -18.36 -8.53
CA ALA B 96 7.64 -17.90 -7.14
C ALA B 96 9.02 -18.32 -6.57
N MET B 97 9.46 -19.55 -6.83
CA MET B 97 10.80 -19.94 -6.36
C MET B 97 11.87 -19.07 -7.01
N ILE B 98 11.58 -18.65 -8.23
CA ILE B 98 12.48 -17.79 -8.96
C ILE B 98 12.50 -16.37 -8.39
N ALA B 99 11.33 -15.82 -8.12
CA ALA B 99 11.23 -14.45 -7.62
C ALA B 99 11.84 -14.34 -6.24
N TYR B 100 11.66 -15.39 -5.45
CA TYR B 100 12.22 -15.46 -4.15
C TYR B 100 13.74 -15.33 -4.24
N VAL B 101 14.36 -16.07 -5.14
CA VAL B 101 15.81 -16.09 -5.21
C VAL B 101 16.35 -14.78 -5.78
N GLU B 102 15.68 -14.26 -6.80
CA GLU B 102 16.09 -12.97 -7.38
C GLU B 102 15.98 -11.82 -6.38
N GLU B 103 15.01 -11.90 -5.47
CA GLU B 103 14.89 -10.88 -4.40
C GLU B 103 16.14 -10.90 -3.50
N MET B 104 16.57 -12.10 -3.11
CA MET B 104 17.79 -12.26 -2.30
C MET B 104 19.02 -11.78 -3.07
N LYS B 105 19.10 -12.15 -4.34
CA LYS B 105 20.24 -11.71 -5.16
C LYS B 105 20.30 -10.18 -5.20
N LYS B 106 19.15 -9.52 -5.33
CA LYS B 106 19.05 -8.06 -5.41
C LYS B 106 19.56 -7.34 -4.16
N ILE B 107 19.15 -7.85 -2.99
CA ILE B 107 19.55 -7.29 -1.71
C ILE B 107 21.06 -7.36 -1.52
N ILE B 108 21.66 -8.47 -1.94
CA ILE B 108 23.11 -8.68 -1.83
C ILE B 108 23.90 -7.71 -2.71
N GLU B 109 23.54 -7.65 -3.99
CA GLU B 109 24.23 -6.80 -4.96
C GLU B 109 24.29 -5.32 -4.57
N THR B 110 23.46 -4.91 -3.61
CA THR B 110 23.59 -3.60 -2.97
C THR B 110 24.82 -3.56 -2.05
#